data_4RSO
#
_entry.id   4RSO
#
_cell.length_a   355.500
_cell.length_b   358.900
_cell.length_c   371.500
_cell.angle_alpha   90.00
_cell.angle_beta   90.00
_cell.angle_gamma   90.00
#
_symmetry.space_group_name_H-M   'P 21 21 21'
#
loop_
_entity.id
_entity.type
_entity.pdbx_description
1 polymer 'Capsid protein VP1'
2 non-polymer "2'-DEOXYADENOSINE-5'-MONOPHOSPHATE"
3 non-polymer 'SODIUM ION'
4 non-polymer 'CHLORIDE ION'
5 water water
#
_entity_poly.entity_id   1
_entity_poly.type   'polypeptide(L)'
_entity_poly.pdbx_seq_one_letter_code
;MAADGYLPDWLEDNLSEGIREWWDLKPGAPKPKANQQKQDDGRGLVLPGYKYLGPFNGLDKGEPVNAADAAALEHDKAYD
QQLKAGDNPYLRYNHADAEFQERLQEDTSFGGNLGRAVFQAKKRVLEPLGLVEEGAKTAPGKKRPVEQSPQEPDSSSGIG
KTGQQPAKKRLNFGQTGDSESVPDPQPLGEPPAAPSGLGPNTMASGGGAPMADNNEGADGVGNSSGNWHCDSTWLGDRVI
TTSTRTWALPTYNNHLYKQISNGTSGGSTNDNTYFGYSTPWGYFDFNRFHCHFSPRDWQRLINNNWGFRPKRLNFKLFNI
QVKEVTTNEGTKTIANNLTSTVQVFTDSEYQLPYVLGSAHQGCLPPFPADVFMVPQYGYLTLNNGSQALGRSSFYCLEYF
PSQMLRTGNNFQFSYTFEDVPFHSSYAHSQSLDRLMNPLIDQYLYYLVRTQTTGTGGTQTLAFSQAGPSSMANQARNWVP
GPCYRQQRVSTTTNQNNNSNFAWTGAAKFKLNGRDSLMNPGVAMASHKDDDDRFFPSSGVLIFGKQGAGNDGVDYSQVLI
TDEEEIKATNPVATEEYGAVAINNQAANTQAQTGLVHNQGVIPGMVWQNRDVYLQGPIWAKIPHTDGNFHPSPLMGGFGL
KHPPPQILIKNTPVPADPPLTFNQAKLNSFITQYSTGQVSVEIEWELQKENSKRWNPEIQYTSNYYKSTNVDFAVNTEGV
YSEPRPIGTRYLTRNL
;
_entity_poly.pdbx_strand_id   A
#
loop_
_chem_comp.id
_chem_comp.type
_chem_comp.name
_chem_comp.formula
CL non-polymer 'CHLORIDE ION' 'Cl -1'
D5M non-polymer 2'-DEOXYADENOSINE-5'-MONOPHOSPHATE 'C10 H14 N5 O6 P'
NA non-polymer 'SODIUM ION' 'Na 1'
#
# COMPACT_ATOMS: atom_id res chain seq x y z
N GLY A 217 8.58 43.46 -0.56
CA GLY A 217 9.87 42.73 -0.42
C GLY A 217 9.80 41.31 -0.96
N ALA A 218 10.96 40.70 -1.21
CA ALA A 218 11.03 39.33 -1.74
C ALA A 218 10.73 38.31 -0.63
N ASP A 219 11.55 38.31 0.43
CA ASP A 219 11.37 37.39 1.55
C ASP A 219 11.49 38.10 2.92
N GLY A 220 10.34 38.34 3.54
CA GLY A 220 10.33 38.99 4.85
C GLY A 220 9.45 38.26 5.83
N VAL A 221 9.56 38.58 7.12
CA VAL A 221 8.76 37.91 8.13
C VAL A 221 7.28 38.25 8.05
N GLY A 222 6.97 39.48 7.68
CA GLY A 222 5.58 39.88 7.56
C GLY A 222 5.13 39.70 6.12
N ASN A 223 5.26 38.48 5.63
CA ASN A 223 4.91 38.23 4.27
C ASN A 223 4.62 36.75 4.07
N SER A 224 3.46 36.46 3.49
CA SER A 224 3.06 35.08 3.23
C SER A 224 4.09 34.56 2.24
N SER A 225 4.75 33.46 2.59
CA SER A 225 5.75 32.88 1.71
C SER A 225 5.15 31.77 0.84
N GLY A 226 3.83 31.83 0.66
CA GLY A 226 3.13 30.83 -0.14
C GLY A 226 1.64 30.88 0.11
N ASN A 227 0.85 30.25 -0.75
CA ASN A 227 -0.60 30.25 -0.56
C ASN A 227 -1.22 28.88 -0.40
N TRP A 228 -2.51 28.86 -0.11
CA TRP A 228 -3.19 27.61 0.12
C TRP A 228 -3.88 27.15 -1.14
N HIS A 229 -3.42 26.05 -1.71
CA HIS A 229 -4.08 25.47 -2.88
C HIS A 229 -4.63 24.08 -2.59
N CYS A 230 -5.95 23.98 -2.54
CA CYS A 230 -6.60 22.70 -2.35
C CYS A 230 -7.71 22.49 -3.38
N ASP A 231 -7.33 22.19 -4.62
CA ASP A 231 -8.32 22.11 -5.69
C ASP A 231 -8.12 20.89 -6.59
N SER A 232 -9.19 20.44 -7.21
CA SER A 232 -9.14 19.37 -8.19
C SER A 232 -9.75 19.85 -9.49
N THR A 233 -9.05 19.63 -10.61
CA THR A 233 -9.54 20.11 -11.89
C THR A 233 -9.52 19.00 -12.93
N TRP A 234 -10.64 18.82 -13.63
CA TRP A 234 -10.70 17.80 -14.65
C TRP A 234 -10.80 18.41 -16.04
N LEU A 235 -9.78 18.16 -16.86
CA LEU A 235 -9.86 18.49 -18.27
C LEU A 235 -9.42 17.28 -19.09
N GLY A 236 -10.30 16.83 -19.98
CA GLY A 236 -9.96 15.70 -20.83
C GLY A 236 -9.51 14.52 -19.97
N ASP A 237 -8.41 13.90 -20.39
CA ASP A 237 -7.77 12.84 -19.62
C ASP A 237 -7.17 13.29 -18.29
N ARG A 238 -6.53 14.46 -18.30
CA ARG A 238 -5.71 14.92 -17.20
C ARG A 238 -6.60 15.40 -16.08
N VAL A 239 -6.39 14.84 -14.90
CA VAL A 239 -7.07 15.31 -13.70
C VAL A 239 -5.99 15.79 -12.77
N ILE A 240 -6.12 17.00 -12.25
CA ILE A 240 -5.10 17.56 -11.39
C ILE A 240 -5.57 17.69 -9.95
N THR A 241 -4.80 17.11 -9.05
CA THR A 241 -5.09 17.17 -7.63
C THR A 241 -4.09 18.09 -6.94
N THR A 242 -4.58 18.85 -5.98
CA THR A 242 -3.76 19.78 -5.24
C THR A 242 -4.19 19.76 -3.79
N SER A 243 -3.23 19.50 -2.90
CA SER A 243 -3.56 19.47 -1.49
C SER A 243 -2.60 20.33 -0.67
N THR A 244 -3.13 20.86 0.42
CA THR A 244 -2.36 21.68 1.34
C THR A 244 -2.80 21.30 2.75
N ARG A 245 -1.84 21.08 3.63
CA ARG A 245 -2.14 20.72 5.00
C ARG A 245 -1.22 21.54 5.89
N THR A 246 -1.58 21.66 7.17
CA THR A 246 -0.74 22.39 8.10
C THR A 246 -0.03 21.38 8.99
N TRP A 247 1.30 21.40 8.96
CA TRP A 247 2.10 20.46 9.74
C TRP A 247 2.80 21.05 10.96
N ALA A 248 3.20 20.17 11.88
CA ALA A 248 3.97 20.57 13.04
C ALA A 248 5.15 19.63 13.18
N LEU A 249 6.34 20.18 13.42
CA LEU A 249 7.51 19.31 13.59
C LEU A 249 8.04 19.35 15.02
N PRO A 250 8.01 18.14 15.69
CA PRO A 250 8.62 18.16 17.02
C PRO A 250 10.12 18.00 16.89
N THR A 251 10.87 18.27 17.96
CA THR A 251 12.28 17.95 17.98
C THR A 251 12.36 16.44 18.15
N TYR A 252 13.22 15.78 17.38
CA TYR A 252 13.30 14.33 17.43
C TYR A 252 14.64 13.86 17.96
N ASN A 253 14.59 12.97 18.94
CA ASN A 253 15.80 12.40 19.51
C ASN A 253 16.72 13.48 20.03
N ASN A 254 16.16 14.53 20.62
CA ASN A 254 17.01 15.52 21.26
C ASN A 254 18.19 15.87 20.36
N HIS A 255 17.92 16.00 19.07
CA HIS A 255 18.97 16.31 18.09
C HIS A 255 20.07 15.25 18.08
N LEU A 256 19.68 13.99 18.22
CA LEU A 256 20.64 12.90 18.28
C LEU A 256 20.38 11.67 17.44
N TYR A 257 21.43 11.17 16.82
CA TYR A 257 21.32 9.95 16.04
C TYR A 257 21.52 8.87 17.09
N LYS A 258 20.56 7.95 17.20
CA LYS A 258 20.64 6.87 18.17
C LYS A 258 20.63 5.49 17.52
N GLN A 259 21.45 4.59 18.05
CA GLN A 259 21.51 3.23 17.54
C GLN A 259 20.38 2.49 18.21
N ILE A 260 19.56 1.81 17.41
CA ILE A 260 18.44 1.07 17.97
C ILE A 260 18.49 -0.37 17.50
N SER A 261 18.39 -1.29 18.45
CA SER A 261 18.35 -2.71 18.13
C SER A 261 17.37 -3.43 19.02
N ASN A 262 16.78 -4.50 18.49
CA ASN A 262 15.95 -5.38 19.29
C ASN A 262 16.63 -6.72 19.36
N GLY A 263 16.84 -7.23 20.57
CA GLY A 263 17.61 -8.44 20.74
C GLY A 263 16.87 -9.76 20.66
N THR A 264 17.62 -10.83 20.49
CA THR A 264 17.10 -12.18 20.61
C THR A 264 16.68 -12.44 22.05
N SER A 265 17.49 -11.92 22.97
CA SER A 265 17.29 -12.11 24.40
C SER A 265 16.06 -11.36 24.89
N GLY A 266 15.47 -11.84 25.97
CA GLY A 266 14.23 -11.29 26.47
C GLY A 266 13.04 -11.94 25.79
N GLY A 267 11.86 -11.38 25.98
CA GLY A 267 10.65 -11.97 25.46
C GLY A 267 10.63 -12.09 23.95
N SER A 268 11.11 -11.06 23.26
CA SER A 268 11.08 -11.06 21.79
C SER A 268 11.69 -12.26 21.07
N THR A 269 10.98 -12.70 20.04
CA THR A 269 11.41 -13.83 19.22
C THR A 269 12.53 -13.43 18.30
N ASN A 270 13.07 -14.41 17.59
CA ASN A 270 14.17 -14.17 16.66
C ASN A 270 13.72 -13.48 15.38
N ASP A 271 12.47 -13.70 14.99
CA ASP A 271 11.94 -13.12 13.77
C ASP A 271 11.68 -11.62 13.86
N ASN A 272 11.75 -11.09 15.07
CA ASN A 272 11.52 -9.66 15.27
C ASN A 272 12.78 -8.93 15.66
N THR A 273 13.93 -9.53 15.36
CA THR A 273 15.19 -8.91 15.67
C THR A 273 15.51 -7.93 14.55
N TYR A 274 16.25 -6.89 14.88
CA TYR A 274 16.61 -5.89 13.89
C TYR A 274 17.71 -4.99 14.42
N PHE A 275 18.38 -4.30 13.51
CA PHE A 275 19.42 -3.36 13.86
C PHE A 275 19.29 -2.16 12.96
N GLY A 276 19.37 -0.98 13.55
CA GLY A 276 19.24 0.23 12.76
C GLY A 276 19.56 1.50 13.52
N TYR A 277 19.04 2.61 13.00
CA TYR A 277 19.29 3.90 13.63
C TYR A 277 18.07 4.80 13.54
N SER A 278 17.88 5.62 14.58
CA SER A 278 16.78 6.57 14.61
C SER A 278 17.42 7.96 14.51
N THR A 279 17.01 8.72 13.49
CA THR A 279 17.56 10.04 13.24
C THR A 279 16.73 11.19 13.78
N PRO A 280 17.36 12.37 13.93
CA PRO A 280 16.72 13.60 14.42
C PRO A 280 15.90 14.24 13.33
N TRP A 281 15.73 13.52 12.22
CA TRP A 281 14.98 14.04 11.08
C TRP A 281 13.55 13.55 10.92
N GLY A 282 12.74 14.39 10.29
CA GLY A 282 11.35 14.06 10.04
C GLY A 282 11.19 13.97 8.54
N TYR A 283 10.14 13.31 8.07
CA TYR A 283 9.97 13.18 6.64
C TYR A 283 8.54 13.42 6.20
N PHE A 284 8.34 13.95 5.00
CA PHE A 284 7.00 14.19 4.49
C PHE A 284 6.56 13.05 3.59
N ASP A 285 5.43 12.44 3.92
CA ASP A 285 4.89 11.35 3.12
C ASP A 285 3.48 11.66 2.63
N PHE A 286 3.29 11.60 1.32
CA PHE A 286 1.97 11.74 0.72
C PHE A 286 1.50 10.47 0.03
N ASN A 287 2.12 9.34 0.36
CA ASN A 287 1.84 8.09 -0.33
C ASN A 287 0.60 7.38 0.20
N ARG A 288 -0.56 7.94 -0.12
CA ARG A 288 -1.87 7.42 0.22
C ARG A 288 -2.80 8.19 -0.71
N PHE A 289 -3.73 7.49 -1.34
CA PHE A 289 -4.63 8.10 -2.32
C PHE A 289 -5.51 9.20 -1.75
N HIS A 290 -5.98 9.02 -0.52
CA HIS A 290 -6.96 9.95 0.05
C HIS A 290 -6.38 11.36 0.21
N CYS A 291 -5.06 11.46 0.27
CA CYS A 291 -4.41 12.76 0.41
C CYS A 291 -4.73 13.68 -0.76
N HIS A 292 -4.64 13.14 -1.98
CA HIS A 292 -4.84 13.95 -3.18
C HIS A 292 -6.27 13.91 -3.69
N PHE A 293 -7.06 12.98 -3.20
CA PHE A 293 -8.40 12.81 -3.71
C PHE A 293 -9.48 13.02 -2.66
N SER A 294 -10.44 13.87 -2.98
CA SER A 294 -11.64 14.02 -2.17
C SER A 294 -12.45 12.77 -2.39
N PRO A 295 -13.34 12.44 -1.37
CA PRO A 295 -14.08 11.19 -1.62
C PRO A 295 -14.90 11.34 -2.89
N ARG A 296 -15.47 12.52 -3.10
CA ARG A 296 -16.28 12.77 -4.28
C ARG A 296 -15.44 12.60 -5.55
N ASP A 297 -14.21 13.11 -5.50
CA ASP A 297 -13.28 12.97 -6.63
C ASP A 297 -12.90 11.52 -6.91
N TRP A 298 -12.63 10.75 -5.86
CA TRP A 298 -12.33 9.34 -6.00
C TRP A 298 -13.48 8.66 -6.74
N GLN A 299 -14.70 9.11 -6.43
CA GLN A 299 -15.89 8.57 -7.04
C GLN A 299 -15.89 8.89 -8.53
N ARG A 300 -15.64 10.14 -8.89
CA ARG A 300 -15.66 10.49 -10.30
C ARG A 300 -14.64 9.65 -11.04
N LEU A 301 -13.45 9.51 -10.48
CA LEU A 301 -12.41 8.76 -11.15
C LEU A 301 -12.72 7.27 -11.32
N ILE A 302 -13.21 6.65 -10.26
CA ILE A 302 -13.54 5.23 -10.30
C ILE A 302 -14.71 4.89 -11.22
N ASN A 303 -15.73 5.74 -11.20
CA ASN A 303 -16.98 5.50 -11.92
C ASN A 303 -16.95 5.81 -13.41
N ASN A 304 -15.87 6.41 -13.91
CA ASN A 304 -15.83 6.74 -15.34
C ASN A 304 -14.56 6.47 -16.12
N ASN A 305 -13.59 5.83 -15.48
CA ASN A 305 -12.34 5.57 -16.18
C ASN A 305 -11.90 4.13 -16.06
N TRP A 306 -11.28 3.64 -17.12
CA TRP A 306 -10.79 2.27 -17.17
C TRP A 306 -9.38 2.17 -16.64
N GLY A 307 -8.84 3.32 -16.25
CA GLY A 307 -7.49 3.34 -15.72
C GLY A 307 -6.97 4.74 -15.55
N PHE A 308 -5.86 4.84 -14.84
CA PHE A 308 -5.24 6.13 -14.58
C PHE A 308 -3.85 5.86 -14.03
N ARG A 309 -3.01 6.88 -14.08
CA ARG A 309 -1.65 6.76 -13.58
C ARG A 309 -1.07 8.15 -13.36
N PRO A 310 -0.12 8.26 -12.43
CA PRO A 310 0.54 9.52 -12.11
C PRO A 310 1.47 9.97 -13.23
N LYS A 311 1.53 11.28 -13.46
CA LYS A 311 2.38 11.87 -14.50
C LYS A 311 3.43 12.84 -13.97
N ARG A 312 3.06 13.71 -13.06
CA ARG A 312 4.06 14.61 -12.53
C ARG A 312 3.50 15.22 -11.30
N LEU A 313 4.40 15.75 -10.50
CA LEU A 313 3.97 16.38 -9.26
C LEU A 313 4.78 17.63 -8.90
N ASN A 314 4.26 18.35 -7.91
CA ASN A 314 4.88 19.58 -7.47
C ASN A 314 4.76 19.73 -5.97
N PHE A 315 5.90 19.90 -5.31
CA PHE A 315 5.95 20.01 -3.86
C PHE A 315 6.34 21.40 -3.38
N LYS A 316 5.75 21.87 -2.28
CA LYS A 316 6.07 23.18 -1.71
C LYS A 316 5.99 23.18 -0.18
N LEU A 317 6.89 23.92 0.45
CA LEU A 317 6.94 24.07 1.90
C LEU A 317 6.95 25.56 2.15
N PHE A 318 6.02 26.09 2.95
CA PHE A 318 6.01 27.52 3.18
C PHE A 318 5.40 28.03 4.47
N ASN A 319 5.48 29.35 4.65
CA ASN A 319 4.95 30.00 5.85
C ASN A 319 5.54 29.30 7.05
N ILE A 320 6.83 29.00 6.96
CA ILE A 320 7.46 28.31 8.05
C ILE A 320 7.60 29.26 9.23
N GLN A 321 7.22 28.76 10.41
CA GLN A 321 7.27 29.51 11.66
C GLN A 321 7.96 28.61 12.68
N VAL A 322 8.92 29.16 13.41
CA VAL A 322 9.60 28.37 14.42
C VAL A 322 9.29 29.00 15.75
N LYS A 323 8.84 28.18 16.69
CA LYS A 323 8.47 28.66 18.01
C LYS A 323 9.43 28.08 19.06
N GLU A 324 9.75 28.88 20.09
CA GLU A 324 10.61 28.41 21.16
C GLU A 324 9.77 28.41 22.43
N VAL A 325 9.66 27.25 23.05
CA VAL A 325 8.86 27.11 24.25
C VAL A 325 9.69 27.19 25.53
N THR A 326 9.21 27.98 26.48
CA THR A 326 9.88 28.20 27.78
C THR A 326 9.02 27.68 28.94
N THR A 327 9.64 27.05 29.93
CA THR A 327 8.90 26.63 31.11
C THR A 327 9.56 27.09 32.40
N ASN A 328 8.82 27.85 33.21
CA ASN A 328 9.29 28.20 34.54
C ASN A 328 8.23 27.95 35.60
N GLU A 329 8.57 27.18 36.62
CA GLU A 329 7.69 27.02 37.77
C GLU A 329 6.29 26.58 37.36
N GLY A 330 6.20 25.66 36.41
CA GLY A 330 4.91 25.18 35.95
C GLY A 330 4.20 26.16 35.04
N THR A 331 4.93 27.16 34.57
CA THR A 331 4.38 28.15 33.65
C THR A 331 5.02 27.93 32.29
N LYS A 332 4.20 27.84 31.25
CA LYS A 332 4.71 27.43 29.95
C LYS A 332 4.30 28.53 28.99
N THR A 333 5.25 29.02 28.21
CA THR A 333 5.00 30.09 27.25
C THR A 333 5.68 29.79 25.89
N ILE A 334 4.94 29.98 24.81
CA ILE A 334 5.48 29.71 23.48
C ILE A 334 5.50 30.96 22.62
N ALA A 335 6.69 31.38 22.23
CA ALA A 335 6.82 32.56 21.36
C ALA A 335 7.75 32.26 20.20
N ASN A 336 7.97 33.27 19.36
CA ASN A 336 8.79 33.14 18.15
C ASN A 336 10.31 33.36 18.22
N ASN A 337 11.03 32.42 17.61
CA ASN A 337 12.43 32.60 17.32
C ASN A 337 12.43 32.81 15.83
N LEU A 338 12.72 34.02 15.42
CA LEU A 338 12.74 34.35 14.00
C LEU A 338 14.01 34.04 13.28
N THR A 339 15.12 34.23 13.98
CA THR A 339 16.45 33.95 13.45
C THR A 339 16.68 32.45 13.29
N SER A 340 15.83 31.63 13.92
CA SER A 340 15.95 30.18 13.85
C SER A 340 15.68 29.65 12.44
N THR A 341 16.33 28.53 12.12
CA THR A 341 16.26 27.92 10.79
C THR A 341 15.67 26.49 10.79
N VAL A 342 15.26 26.04 9.59
CA VAL A 342 14.70 24.70 9.37
C VAL A 342 15.34 24.14 8.10
N GLN A 343 15.99 22.98 8.20
CA GLN A 343 16.66 22.33 7.06
C GLN A 343 15.76 21.36 6.29
N VAL A 344 15.85 21.40 4.97
CA VAL A 344 15.05 20.55 4.09
C VAL A 344 15.89 20.09 2.91
N PHE A 345 15.62 18.89 2.41
CA PHE A 345 16.34 18.38 1.24
C PHE A 345 15.68 17.12 0.72
N THR A 346 15.87 16.86 -0.58
CA THR A 346 15.28 15.69 -1.19
C THR A 346 16.35 14.68 -1.57
N ASP A 347 16.03 13.42 -1.32
CA ASP A 347 16.92 12.30 -1.63
C ASP A 347 16.76 12.06 -3.13
N SER A 348 17.13 13.07 -3.90
CA SER A 348 17.02 13.01 -5.35
C SER A 348 17.90 11.95 -6.01
N GLU A 349 18.93 11.51 -5.30
CA GLU A 349 19.80 10.45 -5.80
C GLU A 349 19.55 9.08 -5.16
N TYR A 350 18.55 9.01 -4.28
CA TYR A 350 18.19 7.75 -3.64
C TYR A 350 19.32 7.08 -2.86
N GLN A 351 20.12 7.86 -2.15
CA GLN A 351 21.24 7.34 -1.37
C GLN A 351 20.88 6.95 0.07
N LEU A 352 19.62 7.22 0.44
CA LEU A 352 19.10 7.01 1.78
C LEU A 352 18.07 5.88 1.76
N PRO A 353 18.11 4.99 2.77
CA PRO A 353 17.17 3.86 2.87
C PRO A 353 15.74 4.33 2.59
N TYR A 354 15.04 3.65 1.69
CA TYR A 354 13.68 4.07 1.36
C TYR A 354 12.65 3.62 2.39
N VAL A 355 12.18 4.59 3.17
CA VAL A 355 11.11 4.40 4.15
C VAL A 355 9.73 4.13 3.57
N LEU A 356 9.40 4.87 2.51
CA LEU A 356 8.04 4.90 1.97
C LEU A 356 7.63 3.60 1.29
N GLY A 357 6.33 3.36 1.21
CA GLY A 357 5.80 2.14 0.63
C GLY A 357 5.74 1.01 1.64
N SER A 358 6.08 1.33 2.88
CA SER A 358 5.96 0.36 3.96
C SER A 358 4.63 0.52 4.69
N ALA A 359 3.74 1.33 4.11
CA ALA A 359 2.42 1.55 4.69
C ALA A 359 2.44 2.26 6.04
N HIS A 360 3.52 2.99 6.29
CA HIS A 360 3.68 3.66 7.57
C HIS A 360 2.74 4.86 7.72
N GLN A 361 2.26 5.05 8.94
CA GLN A 361 1.40 6.16 9.32
C GLN A 361 2.16 7.46 9.14
N GLY A 362 1.45 8.57 9.23
CA GLY A 362 2.11 9.87 9.10
C GLY A 362 1.99 10.57 7.78
N CYS A 363 1.16 10.05 6.88
CA CYS A 363 0.98 10.70 5.60
C CYS A 363 0.06 11.88 5.85
N LEU A 364 -0.07 12.76 4.89
CA LEU A 364 -0.96 13.90 5.07
C LEU A 364 -2.33 13.35 5.45
N PRO A 365 -3.10 14.14 6.22
CA PRO A 365 -4.43 13.72 6.65
C PRO A 365 -5.37 13.66 5.46
N PRO A 366 -6.39 12.82 5.55
CA PRO A 366 -7.44 12.73 4.52
C PRO A 366 -8.28 14.00 4.42
N PHE A 367 -8.65 14.52 5.58
CA PHE A 367 -9.43 15.75 5.70
C PHE A 367 -8.47 16.94 5.69
N PRO A 368 -8.75 17.92 4.84
CA PRO A 368 -7.85 19.07 4.67
C PRO A 368 -7.67 19.86 5.97
N ALA A 369 -8.74 20.00 6.74
CA ALA A 369 -8.73 20.82 7.95
C ALA A 369 -7.73 20.34 9.00
N ASP A 370 -7.58 19.03 9.13
CA ASP A 370 -6.77 18.46 10.20
C ASP A 370 -5.30 18.87 10.12
N VAL A 371 -4.69 19.09 11.28
CA VAL A 371 -3.30 19.47 11.38
C VAL A 371 -2.51 18.27 11.91
N PHE A 372 -1.41 17.95 11.26
CA PHE A 372 -0.74 16.68 11.55
C PHE A 372 0.72 16.81 11.99
N MET A 373 1.18 15.77 12.64
CA MET A 373 2.53 15.71 13.13
C MET A 373 3.40 15.05 12.06
N VAL A 374 4.63 15.52 11.93
CA VAL A 374 5.56 14.97 10.93
C VAL A 374 6.26 13.71 11.44
N PRO A 375 6.20 12.61 10.69
CA PRO A 375 6.81 11.32 11.05
C PRO A 375 8.32 11.42 11.27
N GLN A 376 8.84 10.58 12.15
CA GLN A 376 10.27 10.58 12.41
C GLN A 376 10.97 9.59 11.50
N TYR A 377 12.12 9.99 10.95
CA TYR A 377 12.87 9.12 10.05
C TYR A 377 13.81 8.19 10.80
N GLY A 378 13.87 6.94 10.34
CA GLY A 378 14.73 5.93 10.94
C GLY A 378 14.87 4.79 9.95
N TYR A 379 15.94 4.02 10.03
CA TYR A 379 16.12 2.94 9.08
C TYR A 379 16.72 1.66 9.64
N LEU A 380 16.73 0.61 8.83
CA LEU A 380 17.20 -0.69 9.25
C LEU A 380 18.34 -1.20 8.38
N THR A 381 19.25 -1.95 8.99
CA THR A 381 20.46 -2.44 8.36
C THR A 381 20.61 -3.91 8.67
N LEU A 382 21.49 -4.60 7.95
CA LEU A 382 21.63 -6.03 8.13
C LEU A 382 21.95 -6.31 9.59
N ASN A 383 21.28 -7.30 10.15
CA ASN A 383 21.51 -7.63 11.55
C ASN A 383 21.52 -9.13 11.80
N ASN A 384 22.33 -9.54 12.76
CA ASN A 384 22.20 -10.85 13.34
C ASN A 384 21.78 -10.60 14.77
N GLY A 385 20.60 -11.09 15.13
CA GLY A 385 20.11 -10.82 16.46
C GLY A 385 20.09 -9.33 16.71
N SER A 386 20.70 -8.92 17.81
CA SER A 386 20.79 -7.54 18.26
C SER A 386 22.14 -6.95 17.88
N GLN A 387 22.81 -7.66 16.98
CA GLN A 387 24.12 -7.23 16.52
C GLN A 387 24.11 -6.84 15.07
N ALA A 388 25.05 -5.99 14.69
CA ALA A 388 25.18 -5.57 13.31
C ALA A 388 26.27 -6.41 12.66
N LEU A 389 26.33 -6.36 11.34
CA LEU A 389 27.35 -7.10 10.62
C LEU A 389 28.32 -6.08 10.02
N GLY A 390 29.40 -6.55 9.41
CA GLY A 390 30.37 -5.67 8.81
C GLY A 390 29.74 -4.86 7.69
N ARG A 391 28.86 -5.52 6.94
CA ARG A 391 28.17 -4.92 5.81
C ARG A 391 27.28 -3.74 6.19
N SER A 392 26.64 -3.82 7.35
CA SER A 392 25.58 -2.88 7.70
C SER A 392 26.09 -1.45 7.60
N SER A 393 25.23 -0.58 7.06
CA SER A 393 25.61 0.78 6.71
C SER A 393 24.92 1.82 7.58
N PHE A 394 25.69 2.82 8.00
CA PHE A 394 25.20 3.88 8.88
C PHE A 394 25.18 5.18 8.10
N TYR A 395 23.99 5.77 7.95
CA TYR A 395 23.85 7.01 7.20
C TYR A 395 23.66 8.24 8.08
N CYS A 396 24.30 9.32 7.67
CA CYS A 396 24.17 10.55 8.38
C CYS A 396 23.52 11.55 7.46
N LEU A 397 22.34 12.02 7.86
CA LEU A 397 21.58 12.94 7.03
C LEU A 397 22.29 14.26 6.86
N GLU A 398 23.01 14.69 7.88
CA GLU A 398 23.67 15.98 7.82
C GLU A 398 24.73 16.01 6.74
N TYR A 399 25.17 14.84 6.31
CA TYR A 399 26.24 14.76 5.32
C TYR A 399 25.63 14.95 3.93
N PHE A 400 24.41 15.49 3.94
CA PHE A 400 23.67 15.76 2.72
C PHE A 400 23.43 17.23 2.48
N PRO A 401 23.76 17.71 1.27
CA PRO A 401 23.53 19.13 1.00
C PRO A 401 22.05 19.42 1.16
N SER A 402 21.70 20.16 2.21
CA SER A 402 20.31 20.52 2.47
C SER A 402 20.13 22.03 2.51
N GLN A 403 18.96 22.48 2.10
CA GLN A 403 18.64 23.89 2.06
C GLN A 403 18.04 24.33 3.39
N MET A 404 18.42 25.52 3.86
CA MET A 404 17.93 26.06 5.13
C MET A 404 16.92 27.16 4.93
N LEU A 405 16.01 27.29 5.90
CA LEU A 405 14.95 28.29 5.82
C LEU A 405 14.77 29.04 7.12
N ARG A 406 14.33 30.28 6.97
CA ARG A 406 13.88 31.12 8.06
C ARG A 406 12.51 31.57 7.59
N THR A 407 11.64 32.00 8.50
CA THR A 407 10.30 32.32 8.10
C THR A 407 10.39 33.40 7.04
N GLY A 408 9.53 33.32 6.04
CA GLY A 408 9.66 34.15 4.85
C GLY A 408 10.57 33.48 3.84
N ASN A 409 10.98 32.25 4.16
CA ASN A 409 11.77 31.42 3.25
C ASN A 409 11.01 30.15 2.88
N ASN A 410 11.10 29.78 1.61
CA ASN A 410 10.29 28.69 1.10
C ASN A 410 11.09 27.71 0.27
N PHE A 411 10.65 26.47 0.28
CA PHE A 411 11.31 25.40 -0.45
C PHE A 411 10.30 24.79 -1.40
N GLN A 412 10.80 24.23 -2.50
CA GLN A 412 9.89 23.61 -3.44
C GLN A 412 10.64 22.95 -4.60
N PHE A 413 9.99 21.98 -5.24
CA PHE A 413 10.58 21.27 -6.37
C PHE A 413 9.53 20.52 -7.17
N SER A 414 9.98 19.89 -8.24
CA SER A 414 9.09 19.12 -9.10
C SER A 414 9.71 17.82 -9.54
N TYR A 415 8.85 16.81 -9.75
CA TYR A 415 9.29 15.49 -10.17
C TYR A 415 8.30 14.96 -11.19
N THR A 416 8.80 14.13 -12.10
CA THR A 416 7.97 13.54 -13.15
C THR A 416 8.04 12.02 -13.13
N PHE A 417 6.89 11.39 -12.97
CA PHE A 417 6.84 9.95 -12.90
C PHE A 417 7.34 9.25 -14.13
N GLU A 418 8.21 8.27 -13.90
CA GLU A 418 8.75 7.46 -14.98
C GLU A 418 7.52 6.82 -15.59
N ASP A 419 7.61 6.35 -16.81
CA ASP A 419 6.43 5.75 -17.41
C ASP A 419 6.00 4.48 -16.73
N VAL A 420 4.73 4.41 -16.36
CA VAL A 420 4.22 3.25 -15.67
C VAL A 420 2.87 2.85 -16.24
N PRO A 421 2.53 1.55 -16.19
CA PRO A 421 1.26 1.03 -16.71
C PRO A 421 0.04 1.56 -15.94
N PHE A 422 -1.02 1.85 -16.68
CA PHE A 422 -2.24 2.36 -16.08
C PHE A 422 -2.79 1.34 -15.12
N HIS A 423 -3.23 1.79 -13.97
CA HIS A 423 -3.88 0.89 -13.01
C HIS A 423 -5.20 0.47 -13.60
N SER A 424 -5.64 -0.74 -13.28
CA SER A 424 -6.89 -1.23 -13.84
C SER A 424 -8.04 -0.89 -12.91
N SER A 425 -8.94 -0.04 -13.39
CA SER A 425 -10.12 0.35 -12.65
C SER A 425 -11.32 -0.44 -13.13
N TYR A 426 -11.05 -1.44 -13.97
CA TYR A 426 -12.08 -2.22 -14.62
C TYR A 426 -12.10 -3.64 -14.09
N ALA A 427 -13.29 -4.17 -13.81
CA ALA A 427 -13.42 -5.55 -13.36
C ALA A 427 -13.99 -6.39 -14.49
N HIS A 428 -13.29 -7.49 -14.81
CA HIS A 428 -13.70 -8.35 -15.90
C HIS A 428 -15.17 -8.80 -15.89
N SER A 429 -15.74 -8.99 -17.07
CA SER A 429 -17.13 -9.42 -17.21
C SER A 429 -17.22 -10.70 -18.06
N GLN A 430 -16.24 -11.58 -17.85
CA GLN A 430 -16.11 -12.88 -18.52
C GLN A 430 -15.07 -13.58 -17.66
N SER A 431 -15.32 -14.83 -17.29
CA SER A 431 -14.33 -15.64 -16.58
C SER A 431 -13.27 -16.16 -17.55
N LEU A 432 -12.08 -16.45 -17.05
CA LEU A 432 -11.04 -16.92 -17.96
C LEU A 432 -11.47 -18.22 -18.62
N ASP A 433 -12.09 -19.09 -17.84
CA ASP A 433 -12.59 -20.36 -18.37
C ASP A 433 -13.66 -20.21 -19.44
N ARG A 434 -14.61 -19.30 -19.22
CA ARG A 434 -15.70 -19.07 -20.16
C ARG A 434 -15.36 -18.06 -21.25
N LEU A 435 -14.39 -18.40 -22.10
CA LEU A 435 -13.95 -17.47 -23.14
C LEU A 435 -14.42 -17.85 -24.54
N MET A 436 -15.32 -18.83 -24.62
CA MET A 436 -15.69 -19.39 -25.91
C MET A 436 -17.19 -19.36 -26.18
N ASN A 437 -17.54 -19.39 -27.46
CA ASN A 437 -18.92 -19.34 -27.89
C ASN A 437 -19.72 -20.57 -27.45
N PRO A 438 -20.95 -20.29 -26.87
CA PRO A 438 -21.72 -21.49 -26.47
C PRO A 438 -22.17 -22.38 -27.62
N LEU A 439 -22.63 -21.77 -28.71
CA LEU A 439 -23.28 -22.49 -29.80
C LEU A 439 -22.38 -23.49 -30.53
N ILE A 440 -21.15 -23.09 -30.76
CA ILE A 440 -20.18 -23.89 -31.52
C ILE A 440 -19.47 -25.01 -30.74
N ASP A 441 -18.97 -25.99 -31.47
CA ASP A 441 -18.22 -27.10 -30.90
C ASP A 441 -16.79 -27.13 -31.41
N GLN A 442 -15.83 -27.34 -30.53
CA GLN A 442 -14.42 -27.31 -30.88
C GLN A 442 -14.06 -28.41 -31.88
N TYR A 443 -13.13 -28.12 -32.78
CA TYR A 443 -12.74 -29.07 -33.80
C TYR A 443 -11.79 -30.09 -33.19
N LEU A 444 -11.44 -29.88 -31.92
CA LEU A 444 -10.53 -30.78 -31.19
C LEU A 444 -11.25 -31.72 -30.23
N TYR A 445 -10.69 -32.91 -30.07
CA TYR A 445 -11.25 -33.93 -29.20
C TYR A 445 -10.41 -34.06 -27.93
N TYR A 446 -11.02 -34.60 -26.88
CA TYR A 446 -10.35 -34.83 -25.60
C TYR A 446 -10.66 -36.27 -25.19
N LEU A 447 -9.84 -36.84 -24.30
CA LEU A 447 -10.07 -38.21 -23.87
C LEU A 447 -11.20 -38.21 -22.86
N VAL A 448 -12.36 -38.71 -23.30
CA VAL A 448 -13.55 -38.74 -22.46
C VAL A 448 -13.71 -39.98 -21.56
N ARG A 449 -13.21 -41.13 -22.02
CA ARG A 449 -13.32 -42.36 -21.23
C ARG A 449 -12.17 -43.34 -21.36
N THR A 450 -11.74 -43.91 -20.22
CA THR A 450 -10.66 -44.88 -20.17
C THR A 450 -11.22 -46.29 -20.14
N GLN A 451 -12.50 -46.38 -19.78
CA GLN A 451 -13.17 -47.67 -19.62
C GLN A 451 -14.59 -47.68 -20.16
N THR A 452 -14.99 -48.82 -20.70
CA THR A 452 -16.32 -48.96 -21.27
C THR A 452 -17.39 -48.79 -20.20
N THR A 453 -18.48 -48.11 -20.56
CA THR A 453 -19.59 -47.87 -19.65
C THR A 453 -20.30 -49.18 -19.37
N GLY A 454 -20.92 -49.27 -18.19
CA GLY A 454 -21.65 -50.47 -17.83
C GLY A 454 -20.81 -51.59 -17.26
N THR A 455 -21.38 -52.80 -17.31
CA THR A 455 -20.83 -53.97 -16.64
C THR A 455 -19.44 -54.42 -17.09
N GLY A 456 -19.12 -54.26 -18.37
CA GLY A 456 -17.95 -54.87 -18.95
C GLY A 456 -16.62 -54.45 -18.34
N GLY A 457 -16.48 -53.16 -18.03
CA GLY A 457 -15.31 -52.69 -17.33
C GLY A 457 -14.00 -53.04 -18.00
N THR A 458 -13.96 -52.94 -19.33
CA THR A 458 -12.76 -53.23 -20.08
C THR A 458 -12.20 -51.95 -20.68
N GLN A 459 -10.88 -51.76 -20.57
CA GLN A 459 -10.29 -50.49 -20.94
C GLN A 459 -10.49 -50.20 -22.42
N THR A 460 -10.82 -48.94 -22.71
CA THR A 460 -11.01 -48.48 -24.07
C THR A 460 -10.69 -47.00 -24.16
N LEU A 461 -10.40 -46.51 -25.35
CA LEU A 461 -10.14 -45.09 -25.54
C LEU A 461 -11.25 -44.46 -26.35
N ALA A 462 -11.97 -43.56 -25.70
CA ALA A 462 -13.08 -42.84 -26.31
C ALA A 462 -12.76 -41.35 -26.35
N PHE A 463 -13.03 -40.72 -27.48
CA PHE A 463 -12.75 -39.30 -27.62
C PHE A 463 -13.98 -38.53 -28.03
N SER A 464 -14.15 -37.34 -27.46
CA SER A 464 -15.30 -36.51 -27.78
C SER A 464 -14.86 -35.08 -28.08
N GLN A 465 -15.62 -34.41 -28.93
CA GLN A 465 -15.34 -33.02 -29.26
C GLN A 465 -15.99 -32.20 -28.15
N ALA A 466 -15.20 -31.37 -27.49
CA ALA A 466 -15.73 -30.55 -26.41
C ALA A 466 -16.78 -29.61 -26.96
N GLY A 467 -17.98 -29.68 -26.41
CA GLY A 467 -19.05 -28.83 -26.91
C GLY A 467 -19.46 -27.74 -25.94
N PRO A 468 -20.59 -27.10 -26.23
CA PRO A 468 -21.13 -26.08 -25.33
C PRO A 468 -21.54 -26.69 -24.00
N SER A 469 -22.22 -27.83 -24.03
CA SER A 469 -22.65 -28.47 -22.80
C SER A 469 -21.48 -28.93 -21.95
N SER A 470 -20.49 -29.55 -22.59
CA SER A 470 -19.28 -29.95 -21.91
C SER A 470 -18.26 -28.83 -21.99
N MET A 471 -18.51 -27.73 -21.29
CA MET A 471 -17.60 -26.60 -21.36
C MET A 471 -16.26 -26.82 -20.66
N ALA A 472 -16.29 -27.51 -19.53
CA ALA A 472 -15.09 -27.69 -18.72
C ALA A 472 -14.01 -28.46 -19.47
N ASN A 473 -14.42 -29.45 -20.23
CA ASN A 473 -13.49 -30.28 -20.99
C ASN A 473 -12.68 -29.55 -22.06
N GLN A 474 -13.31 -28.60 -22.74
CA GLN A 474 -12.72 -27.98 -23.93
C GLN A 474 -11.41 -27.23 -23.68
N ALA A 475 -10.52 -27.32 -24.65
CA ALA A 475 -9.18 -26.74 -24.57
C ALA A 475 -9.19 -25.21 -24.57
N ARG A 476 -8.23 -24.62 -23.89
CA ARG A 476 -8.14 -23.17 -23.75
C ARG A 476 -6.72 -22.67 -24.01
N ASN A 477 -6.60 -21.42 -24.43
CA ASN A 477 -5.31 -20.84 -24.77
C ASN A 477 -4.65 -20.19 -23.56
N TRP A 478 -5.45 -19.79 -22.58
CA TRP A 478 -4.92 -19.13 -21.40
C TRP A 478 -5.35 -19.84 -20.13
N VAL A 479 -4.50 -19.78 -19.12
CA VAL A 479 -4.76 -20.44 -17.84
C VAL A 479 -4.66 -19.39 -16.70
N PRO A 480 -5.33 -19.63 -15.54
CA PRO A 480 -5.32 -18.72 -14.38
C PRO A 480 -3.94 -18.32 -13.87
N GLY A 481 -3.91 -17.24 -13.10
CA GLY A 481 -2.67 -16.74 -12.53
C GLY A 481 -2.09 -17.56 -11.39
N PRO A 482 -0.91 -17.20 -10.88
CA PRO A 482 -0.25 -17.91 -9.77
C PRO A 482 -0.95 -17.79 -8.41
N CYS A 483 -0.60 -18.70 -7.50
CA CYS A 483 -1.18 -18.73 -6.15
C CYS A 483 -0.28 -19.31 -5.04
N TYR A 484 -0.39 -18.70 -3.87
CA TYR A 484 0.26 -19.17 -2.66
C TYR A 484 -0.90 -19.42 -1.72
N ARG A 485 -0.99 -20.62 -1.16
CA ARG A 485 -2.17 -20.95 -0.39
C ARG A 485 -2.30 -20.03 0.81
N GLN A 486 -3.51 -19.57 1.06
CA GLN A 486 -3.78 -18.71 2.20
C GLN A 486 -4.80 -19.39 3.09
N GLN A 487 -4.53 -19.45 4.37
CA GLN A 487 -5.45 -20.11 5.30
C GLN A 487 -6.77 -19.34 5.36
N ARG A 488 -7.89 -20.06 5.32
CA ARG A 488 -9.19 -19.42 5.34
C ARG A 488 -9.71 -19.16 6.74
N VAL A 489 -10.45 -18.07 6.91
CA VAL A 489 -11.04 -17.71 8.19
C VAL A 489 -12.39 -17.03 7.97
N SER A 490 -13.34 -17.33 8.86
CA SER A 490 -14.71 -16.90 8.69
C SER A 490 -15.06 -15.79 9.67
N THR A 491 -15.79 -14.79 9.19
CA THR A 491 -16.17 -13.66 10.02
C THR A 491 -17.01 -14.15 11.18
N THR A 492 -17.90 -15.09 10.91
CA THR A 492 -18.69 -15.69 11.98
C THR A 492 -17.75 -16.46 12.90
N THR A 493 -17.89 -16.23 14.20
CA THR A 493 -17.01 -16.85 15.19
C THR A 493 -17.13 -18.38 15.29
N ASN A 494 -18.36 -18.88 15.25
CA ASN A 494 -18.62 -20.30 15.49
C ASN A 494 -17.98 -21.24 14.48
N GLN A 495 -17.97 -20.86 13.21
CA GLN A 495 -17.46 -21.71 12.16
C GLN A 495 -15.97 -22.06 12.32
N ASN A 496 -15.17 -21.09 12.74
CA ASN A 496 -13.74 -21.29 12.90
C ASN A 496 -13.37 -22.33 13.96
N ASN A 497 -12.32 -23.10 13.69
CA ASN A 497 -11.81 -24.09 14.62
C ASN A 497 -11.25 -23.40 15.86
N ASN A 498 -11.42 -24.02 17.02
CA ASN A 498 -11.07 -23.35 18.28
C ASN A 498 -9.61 -23.48 18.64
N SER A 499 -8.76 -22.82 17.85
CA SER A 499 -7.34 -22.76 18.13
C SER A 499 -6.79 -21.41 17.68
N ASN A 500 -5.71 -20.97 18.31
CA ASN A 500 -5.06 -19.72 17.92
C ASN A 500 -4.08 -19.98 16.79
N PHE A 501 -4.63 -20.18 15.59
CA PHE A 501 -3.80 -20.52 14.45
C PHE A 501 -3.46 -19.29 13.62
N ALA A 502 -3.63 -18.11 14.22
CA ALA A 502 -3.33 -16.87 13.53
C ALA A 502 -1.93 -16.94 12.94
N TRP A 503 -0.97 -17.39 13.74
CA TRP A 503 0.40 -17.49 13.27
C TRP A 503 0.72 -18.88 12.74
N THR A 504 0.40 -19.91 13.51
CA THR A 504 0.77 -21.25 13.11
C THR A 504 0.11 -21.60 11.78
N GLY A 505 -1.16 -21.23 11.63
CA GLY A 505 -1.89 -21.48 10.39
C GLY A 505 -1.38 -20.75 9.17
N ALA A 506 -1.00 -19.48 9.35
CA ALA A 506 -0.69 -18.58 8.24
C ALA A 506 0.53 -18.97 7.42
N ALA A 507 0.44 -18.75 6.10
CA ALA A 507 1.55 -18.97 5.19
C ALA A 507 2.65 -17.94 5.41
N LYS A 508 3.91 -18.37 5.26
CA LYS A 508 5.05 -17.50 5.48
C LYS A 508 6.28 -17.88 4.65
N PHE A 509 7.17 -16.90 4.47
CA PHE A 509 8.39 -17.10 3.70
C PHE A 509 9.58 -16.90 4.62
N LYS A 510 10.55 -17.81 4.54
CA LYS A 510 11.68 -17.77 5.44
C LYS A 510 12.89 -17.16 4.74
N LEU A 511 13.40 -16.07 5.30
CA LEU A 511 14.57 -15.41 4.74
C LEU A 511 15.68 -15.29 5.76
N ASN A 512 16.87 -15.77 5.41
CA ASN A 512 18.03 -15.65 6.28
C ASN A 512 17.78 -16.28 7.65
N GLY A 513 17.05 -17.38 7.67
CA GLY A 513 16.80 -18.10 8.89
C GLY A 513 15.70 -17.50 9.74
N ARG A 514 15.05 -16.46 9.22
CA ARG A 514 13.94 -15.84 9.93
C ARG A 514 12.66 -15.91 9.11
N ASP A 515 11.59 -16.39 9.73
CA ASP A 515 10.29 -16.53 9.07
C ASP A 515 9.48 -15.26 9.20
N SER A 516 9.10 -14.69 8.06
CA SER A 516 8.28 -13.50 8.09
C SER A 516 6.93 -13.90 7.50
N LEU A 517 5.88 -13.28 8.00
CA LEU A 517 4.53 -13.55 7.54
C LEU A 517 4.31 -13.08 6.10
N MET A 518 3.61 -13.89 5.30
CA MET A 518 3.30 -13.57 3.90
C MET A 518 2.12 -12.61 3.85
N ASN A 519 2.42 -11.34 4.03
CA ASN A 519 1.40 -10.31 4.04
C ASN A 519 1.77 -9.25 3.02
N PRO A 520 0.84 -8.89 2.11
CA PRO A 520 -0.51 -9.44 2.03
C PRO A 520 -0.59 -10.53 0.97
N GLY A 521 0.56 -11.12 0.65
CA GLY A 521 0.59 -12.19 -0.33
C GLY A 521 0.38 -11.79 -1.79
N VAL A 522 0.38 -12.80 -2.66
CA VAL A 522 0.19 -12.56 -4.09
C VAL A 522 -1.25 -12.14 -4.26
N ALA A 523 -1.58 -11.62 -5.43
CA ALA A 523 -2.95 -11.19 -5.67
C ALA A 523 -3.85 -12.38 -6.01
N MET A 524 -4.84 -12.62 -5.15
CA MET A 524 -5.79 -13.72 -5.33
C MET A 524 -7.17 -13.32 -4.85
N ALA A 525 -8.19 -13.95 -5.44
CA ALA A 525 -9.57 -13.67 -5.08
C ALA A 525 -9.80 -13.95 -3.59
N SER A 526 -10.41 -13.02 -2.88
CA SER A 526 -10.66 -13.26 -1.46
C SER A 526 -11.59 -14.45 -1.22
N HIS A 527 -12.64 -14.57 -2.01
CA HIS A 527 -13.56 -15.68 -1.86
C HIS A 527 -14.27 -16.09 -3.16
N LYS A 528 -14.64 -17.36 -3.26
CA LYS A 528 -15.51 -17.83 -4.32
C LYS A 528 -16.93 -17.36 -4.03
N ASP A 529 -17.76 -17.22 -5.05
CA ASP A 529 -19.09 -16.66 -4.83
C ASP A 529 -19.88 -17.19 -3.65
N ASP A 530 -20.50 -16.26 -2.92
CA ASP A 530 -21.34 -16.57 -1.76
C ASP A 530 -20.58 -16.98 -0.49
N ASP A 531 -19.27 -16.81 -0.56
CA ASP A 531 -18.35 -17.09 0.54
C ASP A 531 -17.86 -15.77 1.11
N ASP A 532 -18.73 -14.77 1.07
CA ASP A 532 -18.37 -13.39 1.35
C ASP A 532 -17.77 -13.25 2.75
N ARG A 533 -18.27 -14.02 3.70
CA ARG A 533 -17.76 -13.96 5.06
C ARG A 533 -16.28 -14.30 5.10
N PHE A 534 -15.87 -15.27 4.28
CA PHE A 534 -14.47 -15.71 4.24
C PHE A 534 -13.46 -14.67 3.74
N PHE A 535 -12.25 -14.74 4.31
CA PHE A 535 -11.11 -13.92 3.94
C PHE A 535 -9.83 -14.67 4.29
N PRO A 536 -8.75 -14.34 3.61
CA PRO A 536 -7.44 -14.90 3.94
C PRO A 536 -7.00 -14.33 5.26
N SER A 537 -6.32 -15.12 6.09
CA SER A 537 -5.92 -14.60 7.38
C SER A 537 -4.98 -13.43 7.17
N SER A 538 -4.07 -13.58 6.23
CA SER A 538 -3.12 -12.52 5.91
C SER A 538 -3.20 -12.02 4.48
N GLY A 539 -4.23 -12.39 3.72
CA GLY A 539 -4.14 -12.18 2.29
C GLY A 539 -4.94 -11.02 1.72
N VAL A 540 -5.26 -10.05 2.57
CA VAL A 540 -6.01 -8.88 2.12
C VAL A 540 -5.54 -7.70 2.97
N LEU A 541 -5.81 -6.49 2.51
CA LEU A 541 -5.41 -5.31 3.28
C LEU A 541 -6.48 -5.12 4.33
N ILE A 542 -6.11 -4.57 5.49
CA ILE A 542 -7.09 -4.28 6.52
C ILE A 542 -6.94 -2.84 6.99
N PHE A 543 -8.07 -2.12 7.04
CA PHE A 543 -8.05 -0.74 7.50
C PHE A 543 -8.89 -0.59 8.74
N GLY A 544 -8.32 0.02 9.77
CA GLY A 544 -9.04 0.25 11.01
C GLY A 544 -10.13 1.29 10.86
N LYS A 545 -11.24 1.08 11.56
CA LYS A 545 -12.30 2.08 11.62
C LYS A 545 -11.74 3.24 12.42
N GLN A 546 -12.23 4.44 12.16
CA GLN A 546 -11.65 5.61 12.81
C GLN A 546 -11.76 5.48 14.32
N GLY A 547 -10.68 5.84 15.01
CA GLY A 547 -10.63 5.74 16.46
C GLY A 547 -10.30 4.35 16.93
N ALA A 548 -10.02 3.46 15.99
CA ALA A 548 -9.70 2.08 16.30
C ALA A 548 -8.39 1.95 17.05
N GLY A 549 -8.34 1.03 18.00
CA GLY A 549 -7.12 0.80 18.77
C GLY A 549 -6.05 0.05 18.00
N ASN A 550 -4.80 0.40 18.27
CA ASN A 550 -3.66 -0.24 17.60
C ASN A 550 -3.51 -1.72 17.90
N ASP A 551 -3.76 -2.13 19.14
CA ASP A 551 -3.52 -3.51 19.55
C ASP A 551 -4.77 -4.27 19.97
N GLY A 552 -4.95 -5.45 19.36
CA GLY A 552 -6.00 -6.38 19.74
C GLY A 552 -7.42 -5.86 19.64
N VAL A 553 -7.65 -5.01 18.64
CA VAL A 553 -8.97 -4.45 18.40
C VAL A 553 -9.96 -5.50 17.92
N ASP A 554 -11.22 -5.27 18.24
CA ASP A 554 -12.31 -6.16 17.87
C ASP A 554 -12.59 -6.09 16.38
N TYR A 555 -13.28 -7.10 15.86
CA TYR A 555 -13.56 -7.21 14.43
C TYR A 555 -14.33 -6.00 13.92
N SER A 556 -15.24 -5.48 14.73
CA SER A 556 -16.11 -4.41 14.30
C SER A 556 -15.30 -3.18 13.89
N GLN A 557 -14.23 -2.90 14.62
CA GLN A 557 -13.40 -1.73 14.32
C GLN A 557 -12.77 -1.79 12.94
N VAL A 558 -12.26 -2.96 12.55
CA VAL A 558 -11.57 -3.15 11.28
C VAL A 558 -12.46 -3.16 10.03
N LEU A 559 -11.89 -2.72 8.91
CA LEU A 559 -12.52 -2.80 7.60
C LEU A 559 -11.66 -3.74 6.78
N ILE A 560 -12.17 -4.95 6.55
CA ILE A 560 -11.43 -5.92 5.76
C ILE A 560 -11.77 -5.74 4.30
N THR A 561 -10.77 -5.39 3.48
CA THR A 561 -11.00 -5.18 2.06
C THR A 561 -11.36 -6.49 1.38
N ASP A 562 -11.92 -6.39 0.18
CA ASP A 562 -12.32 -7.59 -0.54
C ASP A 562 -11.89 -7.51 -1.99
N GLU A 563 -11.10 -8.50 -2.40
CA GLU A 563 -10.57 -8.57 -3.76
C GLU A 563 -11.22 -9.62 -4.64
N GLU A 564 -12.52 -9.81 -4.44
CA GLU A 564 -13.27 -10.77 -5.22
C GLU A 564 -13.43 -10.39 -6.69
N GLU A 565 -13.37 -9.09 -6.96
CA GLU A 565 -13.52 -8.58 -8.31
C GLU A 565 -12.64 -9.32 -9.32
N ILE A 566 -11.47 -9.75 -8.86
CA ILE A 566 -10.43 -10.34 -9.71
C ILE A 566 -10.52 -11.86 -9.77
N LYS A 567 -11.59 -12.41 -9.23
CA LYS A 567 -11.77 -13.85 -9.13
C LYS A 567 -11.76 -14.53 -10.49
N ALA A 568 -12.24 -13.81 -11.51
CA ALA A 568 -12.39 -14.38 -12.84
C ALA A 568 -11.07 -14.85 -13.46
N THR A 569 -9.99 -14.10 -13.26
CA THR A 569 -8.70 -14.48 -13.82
C THR A 569 -7.72 -15.03 -12.80
N ASN A 570 -7.92 -14.67 -11.54
CA ASN A 570 -7.04 -15.10 -10.46
C ASN A 570 -7.63 -16.23 -9.62
N PRO A 571 -6.75 -17.10 -9.07
CA PRO A 571 -7.14 -18.23 -8.24
C PRO A 571 -7.77 -17.76 -6.95
N VAL A 572 -8.67 -18.56 -6.38
CA VAL A 572 -9.22 -18.25 -5.08
C VAL A 572 -8.09 -18.39 -4.06
N ALA A 573 -8.04 -17.48 -3.09
CA ALA A 573 -6.96 -17.48 -2.11
C ALA A 573 -6.93 -18.73 -1.25
N THR A 574 -8.11 -19.19 -0.84
CA THR A 574 -8.21 -20.28 0.11
C THR A 574 -8.23 -21.69 -0.50
N GLU A 575 -8.27 -21.79 -1.82
CA GLU A 575 -8.40 -23.09 -2.46
C GLU A 575 -7.14 -23.46 -3.25
N GLU A 576 -7.03 -24.72 -3.62
CA GLU A 576 -5.88 -25.19 -4.39
C GLU A 576 -5.94 -24.61 -5.78
N TYR A 577 -4.80 -24.57 -6.46
CA TYR A 577 -4.76 -24.05 -7.82
C TYR A 577 -5.42 -25.08 -8.70
N GLY A 578 -5.21 -26.34 -8.34
CA GLY A 578 -5.78 -27.44 -9.10
C GLY A 578 -5.08 -28.74 -8.76
N ALA A 579 -4.96 -29.64 -9.74
CA ALA A 579 -4.36 -30.94 -9.47
C ALA A 579 -3.41 -31.42 -10.58
N VAL A 580 -2.42 -32.20 -10.19
CA VAL A 580 -1.48 -32.79 -11.13
C VAL A 580 -1.27 -34.27 -10.84
N ALA A 581 -1.07 -35.06 -11.88
CA ALA A 581 -0.88 -36.50 -11.71
C ALA A 581 0.44 -36.79 -10.97
N ILE A 582 0.38 -37.70 -10.00
CA ILE A 582 1.55 -38.06 -9.22
C ILE A 582 2.33 -39.27 -9.70
N ASN A 583 1.75 -40.05 -10.61
CA ASN A 583 2.40 -41.28 -11.06
C ASN A 583 1.91 -41.73 -12.43
N ASN A 584 2.67 -42.60 -13.10
CA ASN A 584 2.20 -43.11 -14.37
C ASN A 584 1.12 -44.17 -14.17
N GLN A 585 0.05 -44.08 -14.94
CA GLN A 585 -1.02 -45.07 -14.85
C GLN A 585 -0.49 -46.40 -15.33
N ALA A 586 -0.93 -47.48 -14.69
CA ALA A 586 -0.37 -48.80 -14.94
C ALA A 586 -1.45 -49.86 -15.11
N ALA A 587 -1.08 -50.97 -15.74
CA ALA A 587 -2.03 -52.06 -15.94
C ALA A 587 -2.48 -52.52 -14.57
N ASN A 588 -1.53 -52.59 -13.63
CA ASN A 588 -1.89 -52.84 -12.25
C ASN A 588 -2.11 -51.58 -11.39
N THR A 589 -1.24 -50.58 -11.56
CA THR A 589 -1.33 -49.33 -10.78
C THR A 589 -2.43 -48.37 -11.22
N GLN A 590 -3.08 -47.76 -10.23
CA GLN A 590 -4.14 -46.82 -10.50
C GLN A 590 -3.63 -45.41 -10.65
N ALA A 591 -4.35 -44.61 -11.42
CA ALA A 591 -3.97 -43.22 -11.64
C ALA A 591 -4.09 -42.47 -10.32
N GLN A 592 -3.24 -41.46 -10.15
CA GLN A 592 -3.29 -40.65 -8.93
C GLN A 592 -3.07 -39.20 -9.26
N THR A 593 -3.51 -38.34 -8.35
CA THR A 593 -3.39 -36.91 -8.52
C THR A 593 -3.14 -36.25 -7.17
N GLY A 594 -2.41 -35.14 -7.19
CA GLY A 594 -2.10 -34.43 -5.97
C GLY A 594 -2.51 -32.98 -6.11
N LEU A 595 -2.87 -32.35 -5.00
CA LEU A 595 -3.29 -30.96 -5.04
C LEU A 595 -2.12 -29.98 -5.19
N VAL A 596 -2.42 -28.82 -5.76
CA VAL A 596 -1.44 -27.77 -5.96
C VAL A 596 -1.80 -26.59 -5.06
N HIS A 597 -1.06 -26.44 -3.97
CA HIS A 597 -1.30 -25.37 -3.01
C HIS A 597 -0.40 -24.19 -3.30
N ASN A 598 0.77 -24.50 -3.84
CA ASN A 598 1.73 -23.49 -4.19
C ASN A 598 1.94 -23.60 -5.69
N GLN A 599 1.60 -22.55 -6.43
CA GLN A 599 1.76 -22.58 -7.88
C GLN A 599 2.47 -21.36 -8.46
N GLY A 600 3.63 -21.61 -9.06
CA GLY A 600 4.41 -20.54 -9.67
C GLY A 600 3.97 -20.22 -11.10
N VAL A 601 4.49 -19.12 -11.64
CA VAL A 601 4.17 -18.67 -12.99
C VAL A 601 4.66 -19.60 -14.09
N ILE A 602 3.82 -19.78 -15.11
CA ILE A 602 4.13 -20.64 -16.26
C ILE A 602 3.58 -19.98 -17.53
N PRO A 603 4.14 -20.31 -18.69
CA PRO A 603 3.68 -19.73 -19.96
C PRO A 603 2.18 -19.87 -20.16
N GLY A 604 1.51 -18.79 -20.55
CA GLY A 604 0.08 -18.87 -20.77
C GLY A 604 -0.79 -18.33 -19.66
N MET A 605 -0.18 -17.91 -18.55
CA MET A 605 -0.97 -17.37 -17.44
C MET A 605 -1.26 -15.90 -17.69
N VAL A 606 -2.38 -15.43 -17.12
CA VAL A 606 -2.79 -14.03 -17.21
C VAL A 606 -3.36 -13.75 -15.82
N TRP A 607 -3.26 -12.52 -15.35
CA TRP A 607 -3.79 -12.21 -14.03
C TRP A 607 -4.01 -10.74 -13.80
N GLN A 608 -4.64 -10.42 -12.69
CA GLN A 608 -4.93 -9.05 -12.34
C GLN A 608 -4.12 -8.67 -11.12
N ASN A 609 -3.58 -7.46 -11.12
CA ASN A 609 -2.91 -6.90 -9.95
C ASN A 609 -3.89 -6.49 -8.85
N ARG A 610 -3.40 -6.46 -7.62
CA ARG A 610 -4.22 -6.06 -6.47
C ARG A 610 -4.66 -4.59 -6.55
N ASP A 611 -5.88 -4.33 -6.12
CA ASP A 611 -6.48 -3.00 -6.18
C ASP A 611 -5.95 -1.99 -5.15
N VAL A 612 -6.09 -0.71 -5.47
CA VAL A 612 -5.75 0.39 -4.59
C VAL A 612 -7.03 0.98 -4.03
N TYR A 613 -6.95 1.55 -2.85
CA TYR A 613 -8.15 2.12 -2.26
C TYR A 613 -8.00 3.59 -1.94
N LEU A 614 -9.14 4.28 -1.80
CA LEU A 614 -9.11 5.70 -1.50
C LEU A 614 -8.15 5.97 -0.34
N GLN A 615 -8.02 5.02 0.57
CA GLN A 615 -7.10 5.18 1.70
C GLN A 615 -5.99 4.13 1.63
N GLY A 616 -5.63 3.75 0.41
CA GLY A 616 -4.58 2.77 0.19
C GLY A 616 -3.23 3.42 -0.04
N PRO A 617 -2.27 2.68 -0.59
CA PRO A 617 -0.94 3.24 -0.86
C PRO A 617 -0.94 3.62 -2.36
N ILE A 618 0.04 4.41 -2.83
CA ILE A 618 0.06 4.80 -4.25
C ILE A 618 1.17 4.18 -5.09
N TRP A 619 2.41 4.29 -4.61
CA TRP A 619 3.56 3.75 -5.31
C TRP A 619 4.50 3.08 -4.31
N ALA A 620 5.59 2.55 -4.80
CA ALA A 620 6.59 1.91 -3.95
C ALA A 620 7.85 1.82 -4.78
N LYS A 621 9.00 1.92 -4.12
CA LYS A 621 10.26 1.84 -4.85
C LYS A 621 10.68 0.39 -5.11
N ILE A 622 10.83 0.07 -6.39
CA ILE A 622 11.26 -1.27 -6.79
C ILE A 622 12.67 -1.42 -6.27
N PRO A 623 12.92 -2.51 -5.54
CA PRO A 623 14.24 -2.78 -4.98
C PRO A 623 15.28 -2.81 -6.08
N HIS A 624 16.44 -2.20 -5.83
CA HIS A 624 17.50 -2.21 -6.82
C HIS A 624 18.15 -3.60 -6.78
N THR A 625 17.59 -4.53 -7.54
CA THR A 625 18.08 -5.89 -7.57
C THR A 625 18.42 -6.31 -9.00
N ASP A 626 19.22 -7.35 -9.13
CA ASP A 626 19.60 -7.86 -10.43
C ASP A 626 18.39 -8.25 -11.26
N GLY A 627 17.34 -8.70 -10.59
CA GLY A 627 16.15 -9.10 -11.32
C GLY A 627 14.93 -9.14 -10.43
N ASN A 628 13.78 -9.23 -11.08
CA ASN A 628 12.50 -9.26 -10.39
C ASN A 628 11.43 -9.61 -11.41
N PHE A 629 10.24 -9.94 -10.93
CA PHE A 629 9.17 -10.27 -11.84
C PHE A 629 7.88 -9.52 -11.54
N HIS A 630 7.28 -8.97 -12.58
CA HIS A 630 6.05 -8.17 -12.49
C HIS A 630 6.07 -7.27 -11.26
N PRO A 631 6.96 -6.29 -11.27
CA PRO A 631 7.23 -5.53 -10.04
C PRO A 631 6.15 -4.50 -9.82
N SER A 632 4.99 -4.99 -9.41
CA SER A 632 3.87 -4.16 -9.00
C SER A 632 3.78 -4.42 -7.51
N PRO A 633 3.89 -3.37 -6.68
CA PRO A 633 3.82 -3.47 -5.22
C PRO A 633 2.75 -4.45 -4.81
N LEU A 634 3.10 -5.37 -3.91
CA LEU A 634 2.14 -6.36 -3.48
C LEU A 634 0.99 -5.83 -2.66
N MET A 635 1.16 -4.64 -2.09
CA MET A 635 0.12 -4.00 -1.29
C MET A 635 -0.76 -3.16 -2.20
N GLY A 636 -0.41 -3.18 -3.48
CA GLY A 636 -1.15 -2.44 -4.49
C GLY A 636 -0.44 -1.16 -4.83
N GLY A 637 -0.59 -0.70 -6.08
CA GLY A 637 0.05 0.54 -6.47
C GLY A 637 0.92 0.50 -7.71
N PHE A 638 1.68 1.57 -7.89
CA PHE A 638 2.58 1.65 -9.03
C PHE A 638 4.01 1.42 -8.58
N GLY A 639 4.68 0.50 -9.27
CA GLY A 639 6.05 0.19 -8.95
C GLY A 639 7.00 1.06 -9.74
N LEU A 640 7.73 1.91 -9.03
CA LEU A 640 8.67 2.81 -9.68
C LEU A 640 10.11 2.50 -9.31
N LYS A 641 11.02 2.64 -10.27
CA LYS A 641 12.44 2.42 -10.01
C LYS A 641 12.96 3.69 -9.35
N HIS A 642 12.42 4.83 -9.80
CA HIS A 642 12.78 6.15 -9.29
C HIS A 642 11.50 6.85 -8.87
N PRO A 643 11.00 6.51 -7.68
CA PRO A 643 9.76 7.12 -7.18
C PRO A 643 9.96 8.53 -6.68
N PRO A 644 8.87 9.15 -6.20
CA PRO A 644 9.00 10.51 -5.70
C PRO A 644 10.04 10.43 -4.59
N PRO A 645 11.09 11.25 -4.68
CA PRO A 645 12.18 11.29 -3.68
C PRO A 645 11.70 11.56 -2.27
N GLN A 646 12.36 10.97 -1.28
CA GLN A 646 11.97 11.18 0.10
C GLN A 646 12.31 12.61 0.49
N ILE A 647 11.36 13.31 1.10
CA ILE A 647 11.60 14.69 1.51
C ILE A 647 11.94 14.72 3.00
N LEU A 648 13.14 15.19 3.33
CA LEU A 648 13.58 15.23 4.72
C LEU A 648 13.63 16.64 5.33
N ILE A 649 13.08 16.77 6.52
CA ILE A 649 13.04 18.04 7.23
C ILE A 649 13.59 17.87 8.65
N LYS A 650 14.06 18.97 9.23
CA LYS A 650 14.63 18.95 10.57
C LYS A 650 14.74 20.37 11.10
N ASN A 651 14.56 20.53 12.40
CA ASN A 651 14.68 21.84 13.03
C ASN A 651 16.15 21.99 13.39
N THR A 652 16.76 23.10 13.00
CA THR A 652 18.17 23.27 13.32
C THR A 652 18.39 23.53 14.80
N PRO A 653 19.31 22.77 15.39
CA PRO A 653 19.57 22.88 16.82
C PRO A 653 20.06 24.28 17.14
N VAL A 654 19.49 24.84 18.20
CA VAL A 654 19.87 26.16 18.69
C VAL A 654 20.39 25.99 20.11
N PRO A 655 21.70 26.08 20.27
CA PRO A 655 22.34 25.78 21.56
C PRO A 655 21.95 26.72 22.69
N ALA A 656 21.81 26.15 23.88
CA ALA A 656 21.62 26.91 25.11
C ALA A 656 22.96 27.54 25.42
N ASP A 657 22.97 28.56 26.29
CA ASP A 657 24.19 29.33 26.46
C ASP A 657 25.33 28.42 26.84
N PRO A 658 26.49 28.62 26.13
CA PRO A 658 27.59 27.68 26.46
C PRO A 658 28.35 28.07 27.72
N PRO A 659 29.12 27.06 28.29
CA PRO A 659 29.90 27.50 29.47
C PRO A 659 31.00 28.47 29.07
N LEU A 660 31.37 29.35 30.00
CA LEU A 660 32.33 30.41 29.73
C LEU A 660 33.73 29.94 29.34
N THR A 661 34.21 28.87 29.96
CA THR A 661 35.54 28.36 29.67
C THR A 661 35.48 27.22 28.67
N PHE A 662 36.26 27.31 27.59
CA PHE A 662 36.17 26.33 26.52
C PHE A 662 36.08 24.90 27.02
N ASN A 663 35.20 24.12 26.40
CA ASN A 663 35.15 22.68 26.64
C ASN A 663 35.17 21.87 25.35
N GLN A 664 36.08 20.90 25.29
CA GLN A 664 36.14 19.97 24.18
C GLN A 664 34.87 19.16 23.95
N ALA A 665 33.97 19.14 24.94
CA ALA A 665 32.73 18.37 24.80
C ALA A 665 31.80 18.96 23.78
N LYS A 666 30.86 18.14 23.32
CA LYS A 666 29.89 18.59 22.34
C LYS A 666 28.67 19.12 23.08
N LEU A 667 28.09 20.22 22.63
CA LEU A 667 27.02 20.83 23.43
C LEU A 667 25.86 19.87 23.62
N ASN A 668 25.40 19.75 24.86
CA ASN A 668 24.26 18.91 25.18
C ASN A 668 23.02 19.68 25.62
N SER A 669 23.12 21.01 25.60
CA SER A 669 22.00 21.84 26.03
C SER A 669 21.49 22.70 24.89
N PHE A 670 20.19 22.64 24.63
CA PHE A 670 19.61 23.38 23.53
C PHE A 670 18.29 24.04 23.93
N ILE A 671 17.94 25.12 23.22
CA ILE A 671 16.67 25.79 23.47
C ILE A 671 15.59 24.83 22.93
N THR A 672 14.49 24.71 23.66
CA THR A 672 13.41 23.83 23.19
C THR A 672 12.55 24.54 22.19
N GLN A 673 12.42 23.95 21.01
CA GLN A 673 11.58 24.54 19.99
C GLN A 673 11.06 23.55 18.96
N TYR A 674 9.98 23.95 18.31
CA TYR A 674 9.34 23.15 17.28
C TYR A 674 8.99 24.10 16.16
N SER A 675 8.60 23.56 15.01
CA SER A 675 8.24 24.39 13.88
C SER A 675 6.88 23.99 13.32
N THR A 676 6.32 24.86 12.49
CA THR A 676 5.03 24.61 11.89
C THR A 676 4.98 25.32 10.54
N GLY A 677 4.14 24.81 9.65
CA GLY A 677 4.02 25.41 8.34
C GLY A 677 3.07 24.64 7.44
N GLN A 678 2.82 25.17 6.26
CA GLN A 678 1.94 24.52 5.30
C GLN A 678 2.80 23.73 4.31
N VAL A 679 2.19 22.72 3.71
CA VAL A 679 2.88 21.91 2.72
C VAL A 679 1.89 21.74 1.58
N SER A 680 2.40 21.68 0.35
CA SER A 680 1.54 21.55 -0.84
C SER A 680 2.00 20.48 -1.81
N VAL A 681 1.12 19.54 -2.11
CA VAL A 681 1.45 18.51 -3.07
C VAL A 681 0.39 18.57 -4.15
N GLU A 682 0.87 18.67 -5.37
CA GLU A 682 0.02 18.77 -6.54
C GLU A 682 0.46 17.68 -7.49
N ILE A 683 -0.47 16.82 -7.91
CA ILE A 683 -0.13 15.74 -8.83
C ILE A 683 -1.02 15.74 -10.07
N GLU A 684 -0.40 15.50 -11.22
CA GLU A 684 -1.15 15.46 -12.47
C GLU A 684 -1.34 14.02 -12.85
N TRP A 685 -2.59 13.59 -12.93
CA TRP A 685 -2.87 12.21 -13.27
C TRP A 685 -3.40 12.08 -14.69
N GLU A 686 -3.02 11.01 -15.36
CA GLU A 686 -3.50 10.79 -16.71
C GLU A 686 -4.56 9.71 -16.67
N LEU A 687 -5.74 10.04 -17.18
CA LEU A 687 -6.87 9.13 -17.22
C LEU A 687 -6.90 8.35 -18.51
N GLN A 688 -7.72 7.31 -18.52
CA GLN A 688 -7.89 6.46 -19.67
C GLN A 688 -9.38 6.18 -19.67
N LYS A 689 -10.09 6.90 -20.52
CA LYS A 689 -11.54 6.79 -20.61
C LYS A 689 -12.09 5.42 -20.96
N GLU A 690 -13.34 5.17 -20.57
CA GLU A 690 -14.04 3.93 -20.91
C GLU A 690 -14.49 3.89 -22.37
N ASN A 691 -14.34 2.73 -23.00
CA ASN A 691 -14.80 2.53 -24.38
C ASN A 691 -15.92 1.49 -24.56
N SER A 692 -16.55 1.08 -23.46
CA SER A 692 -17.46 -0.08 -23.46
C SER A 692 -18.72 0.07 -24.32
N LYS A 693 -19.16 -1.03 -24.92
CA LYS A 693 -20.34 -1.02 -25.77
C LYS A 693 -21.41 -1.83 -25.05
N ARG A 694 -21.17 -2.04 -23.76
CA ARG A 694 -22.09 -2.77 -22.91
C ARG A 694 -23.42 -2.05 -22.98
N TRP A 695 -24.48 -2.78 -23.28
CA TRP A 695 -25.80 -2.18 -23.40
C TRP A 695 -26.48 -1.84 -22.08
N ASN A 696 -26.27 -2.67 -21.06
CA ASN A 696 -26.90 -2.46 -19.76
C ASN A 696 -26.09 -1.62 -18.78
N PRO A 697 -26.78 -0.97 -17.82
CA PRO A 697 -26.16 -0.12 -16.80
C PRO A 697 -25.07 -0.86 -16.05
N GLU A 698 -23.92 -0.23 -15.85
CA GLU A 698 -22.83 -0.86 -15.13
C GLU A 698 -22.94 -0.58 -13.64
N ILE A 699 -22.19 -1.33 -12.84
CA ILE A 699 -22.22 -1.15 -11.40
C ILE A 699 -21.41 0.09 -11.09
N GLN A 700 -21.80 0.83 -10.06
CA GLN A 700 -21.05 2.04 -9.71
C GLN A 700 -21.11 2.39 -8.24
N TYR A 701 -20.06 3.02 -7.73
CA TYR A 701 -20.03 3.39 -6.32
C TYR A 701 -21.02 4.51 -6.09
N THR A 702 -21.91 4.31 -5.14
CA THR A 702 -22.91 5.32 -4.78
C THR A 702 -23.07 5.39 -3.28
N SER A 703 -23.66 6.49 -2.81
CA SER A 703 -23.95 6.64 -1.40
C SER A 703 -25.44 6.41 -1.22
N ASN A 704 -25.79 5.50 -0.33
CA ASN A 704 -27.19 5.11 -0.19
C ASN A 704 -28.05 6.27 0.26
N TYR A 705 -29.23 6.38 -0.33
CA TYR A 705 -30.17 7.46 -0.02
C TYR A 705 -30.65 7.40 1.42
N TYR A 706 -30.86 6.19 1.93
CA TYR A 706 -31.59 6.02 3.18
C TYR A 706 -30.93 6.81 4.29
N LYS A 707 -31.78 7.49 5.05
CA LYS A 707 -31.37 8.39 6.14
C LYS A 707 -30.44 7.75 7.15
N SER A 708 -29.68 8.59 7.83
CA SER A 708 -28.74 8.15 8.85
C SER A 708 -28.48 9.35 9.76
N THR A 709 -27.86 9.13 10.92
CA THR A 709 -27.58 10.22 11.83
C THR A 709 -26.33 11.01 11.48
N ASN A 710 -25.41 10.39 10.74
CA ASN A 710 -24.17 11.05 10.31
C ASN A 710 -24.00 10.88 8.81
N VAL A 711 -23.28 11.79 8.17
CA VAL A 711 -23.07 11.69 6.74
C VAL A 711 -21.78 10.94 6.45
N ASP A 712 -21.80 10.13 5.39
CA ASP A 712 -20.62 9.35 5.00
C ASP A 712 -19.46 10.25 4.60
N PHE A 713 -18.29 9.98 5.16
CA PHE A 713 -17.11 10.78 4.84
C PHE A 713 -17.28 12.25 5.22
N ALA A 714 -17.77 12.50 6.42
CA ALA A 714 -17.96 13.85 6.89
C ALA A 714 -17.45 13.88 8.32
N VAL A 715 -17.52 15.04 8.96
CA VAL A 715 -17.10 15.13 10.34
C VAL A 715 -18.32 14.70 11.13
N ASN A 716 -18.09 14.23 12.35
CA ASN A 716 -19.20 13.82 13.20
C ASN A 716 -19.59 15.03 14.04
N THR A 717 -20.35 14.80 15.11
CA THR A 717 -20.79 15.89 15.95
C THR A 717 -19.64 16.54 16.74
N GLU A 718 -18.50 15.85 16.77
CA GLU A 718 -17.32 16.30 17.51
C GLU A 718 -16.23 16.90 16.67
N GLY A 719 -16.32 16.72 15.36
CA GLY A 719 -15.30 17.25 14.48
C GLY A 719 -14.25 16.20 14.22
N VAL A 720 -14.72 15.02 13.83
CA VAL A 720 -13.81 13.94 13.54
C VAL A 720 -14.17 13.29 12.23
N TYR A 721 -13.46 13.68 11.18
CA TYR A 721 -13.69 13.12 9.86
C TYR A 721 -13.45 11.63 10.02
N SER A 722 -14.23 10.82 9.29
CA SER A 722 -14.10 9.37 9.38
C SER A 722 -14.39 8.73 8.03
N GLU A 723 -13.61 7.71 7.68
CA GLU A 723 -13.79 7.02 6.41
C GLU A 723 -14.52 5.70 6.64
N PRO A 724 -15.82 5.70 6.37
CA PRO A 724 -16.70 4.60 6.77
C PRO A 724 -16.29 3.26 6.17
N ARG A 725 -15.85 3.21 4.92
CA ARG A 725 -15.44 1.94 4.36
C ARG A 725 -14.32 2.16 3.39
N PRO A 726 -13.69 1.06 2.96
CA PRO A 726 -12.60 1.20 1.99
C PRO A 726 -13.30 1.40 0.67
N ILE A 727 -12.71 2.13 -0.26
CA ILE A 727 -13.36 2.29 -1.56
C ILE A 727 -12.44 1.81 -2.66
N GLY A 728 -12.88 0.75 -3.33
CA GLY A 728 -12.11 0.15 -4.40
C GLY A 728 -11.94 1.04 -5.61
N THR A 729 -11.46 0.45 -6.69
CA THR A 729 -11.22 1.21 -7.88
C THR A 729 -12.00 0.64 -9.05
N ARG A 730 -12.25 -0.67 -9.02
CA ARG A 730 -12.94 -1.32 -10.12
C ARG A 730 -14.45 -1.50 -9.99
N TYR A 731 -15.18 -0.67 -10.72
CA TYR A 731 -16.63 -0.72 -10.75
C TYR A 731 -17.05 -0.90 -12.19
N LEU A 732 -16.36 -0.19 -13.07
CA LEU A 732 -16.63 -0.29 -14.50
C LEU A 732 -16.16 -1.65 -14.98
N THR A 733 -16.91 -2.23 -15.91
CA THR A 733 -16.57 -3.55 -16.43
C THR A 733 -16.05 -3.51 -17.85
N ARG A 734 -15.00 -4.29 -18.10
CA ARG A 734 -14.43 -4.40 -19.43
C ARG A 734 -14.35 -5.87 -19.80
N ASN A 735 -14.36 -6.16 -21.10
CA ASN A 735 -14.28 -7.53 -21.60
C ASN A 735 -12.92 -8.13 -21.36
N LEU A 736 -12.82 -9.46 -21.51
CA LEU A 736 -11.54 -10.14 -21.34
C LEU A 736 -10.85 -10.26 -22.72
O5' D5M B . 5.08 -4.94 -19.58
C5' D5M B . 5.40 -4.04 -18.51
C4' D5M B . 6.38 -4.68 -17.56
O4' D5M B . 6.27 -3.99 -16.29
C3' D5M B . 6.07 -6.15 -17.25
O3' D5M B . 7.25 -6.83 -16.80
C2' D5M B . 5.12 -6.05 -16.07
C1' D5M B . 5.69 -4.85 -15.31
N9 D5M B . 4.69 -4.09 -14.55
C8 D5M B . 3.34 -4.32 -14.47
N7 D5M B . 2.71 -3.49 -13.66
C5 D5M B . 3.71 -2.65 -13.20
C6 D5M B . 3.68 -1.56 -12.30
N6 D5M B . 2.57 -1.13 -11.68
N1 D5M B . 4.84 -0.91 -12.07
C2 D5M B . 5.96 -1.35 -12.68
N3 D5M B . 6.11 -2.37 -13.52
C4 D5M B . 4.93 -2.99 -13.75
P D5M B . 3.52 -5.16 -20.04
O1P D5M B . 3.57 -6.10 -21.25
O3P D5M B . 2.98 -3.78 -20.40
O2P D5M B . 2.84 -5.79 -18.83
NA NA C . 14.72 6.47 20.15
CL CL D . -7.02 4.28 12.70
#